data_4U5S
#
_entry.id   4U5S
#
_cell.length_a   79.630
_cell.length_b   91.330
_cell.length_c   102.180
_cell.angle_alpha   90.000
_cell.angle_beta   90.000
_cell.angle_gamma   90.000
#
_symmetry.space_group_name_H-M   'P 21 21 21'
#
loop_
_entity.id
_entity.type
_entity.pdbx_description
1 polymer 'Importin subunit alpha-1'
2 non-polymer N-[(2S)-2-[(N~2~-acetyl-D-lysyl)amino]-3-(pyridin-3-ylmethoxy)propyl]-L-allothreonyl-D-phenylalaninamide
3 water water
#
_entity_poly.entity_id   1
_entity_poly.type   'polypeptide(L)'
_entity_poly.pdbx_seq_one_letter_code
;GTVNWSVEDIVKGINSNNLESQLQATQAARKLLSREKQPPIDNIIRAGLIPKFVSFLGKTDCSPIQFESAWALTNIASGT
SEQTKAVVDGGAIPAFISLLASPHAHISEQAVWALGNIAGDGSAFRDLVIKHGAIDPLLALLAVPDLSTLACGYLRNLTW
TLSNLCRNKNPAPPLDAVEQILPTLVRLLHHNDPEVLADSCWAISYLTDGPNERIEMVVKKGVVPQLVKLLGATELPIVT
PALRAIGNIVTGTDEQTQKVIDAGALAVFPSLLTNPKTNIQKEATWTMSNITAGRQDQIQQVVNHGLVPFLVGVLSKADF
KTQKEAAWAITNYTSGGTVEQIVYLVHCGIIEPLMNLLSAKDTKIIQVILDAISNIFQAAEKLGETEKLSIMIEECGGLD
KIEALQRHENESVYKASLNLIEKYFS
;
_entity_poly.pdbx_strand_id   A
#
loop_
_chem_comp.id
_chem_comp.type
_chem_comp.name
_chem_comp.formula
3D0 non-polymer N-[(2S)-2-[(N~2~-acetyl-D-lysyl)amino]-3-(pyridin-3-ylmethoxy)propyl]-L-allothreonyl-D-phenylalaninamide 'C30 H45 N7 O6'
#
# COMPACT_ATOMS: atom_id res chain seq x y z
N GLY A 1 3.31 -43.65 -0.32
CA GLY A 1 4.69 -43.91 0.03
C GLY A 1 5.22 -42.95 1.08
N THR A 2 5.27 -41.67 0.75
CA THR A 2 5.75 -40.65 1.67
C THR A 2 4.58 -39.83 2.20
N VAL A 3 3.41 -40.46 2.29
CA VAL A 3 2.18 -39.78 2.71
C VAL A 3 1.88 -40.00 4.20
N ASN A 4 1.65 -38.90 4.92
CA ASN A 4 1.31 -38.93 6.35
C ASN A 4 2.30 -39.64 7.26
N TRP A 5 3.60 -39.38 7.12
CA TRP A 5 4.56 -39.90 8.10
C TRP A 5 4.42 -39.16 9.42
N SER A 6 4.77 -39.85 10.51
CA SER A 6 4.97 -39.20 11.79
C SER A 6 6.30 -38.45 11.77
N VAL A 7 6.46 -37.50 12.68
CA VAL A 7 7.69 -36.72 12.74
C VAL A 7 8.86 -37.60 13.19
N GLU A 8 8.55 -38.56 14.07
CA GLU A 8 9.51 -39.56 14.51
C GLU A 8 10.13 -40.36 13.35
N ASP A 9 9.31 -40.76 12.40
CA ASP A 9 9.82 -41.55 11.26
C ASP A 9 10.64 -40.66 10.33
N ILE A 10 10.19 -39.43 10.14
CA ILE A 10 10.94 -38.44 9.38
C ILE A 10 12.32 -38.30 9.99
N VAL A 11 12.38 -38.15 11.31
CA VAL A 11 13.66 -38.00 11.99
C VAL A 11 14.54 -39.26 11.81
N LYS A 12 13.93 -40.43 11.94
CA LYS A 12 14.67 -41.69 11.77
C LYS A 12 15.33 -41.77 10.40
N GLY A 13 14.58 -41.43 9.36
CA GLY A 13 15.07 -41.46 7.99
C GLY A 13 16.17 -40.44 7.70
N ILE A 14 15.99 -39.23 8.22
CA ILE A 14 16.94 -38.16 7.92
C ILE A 14 18.25 -38.39 8.65
N ASN A 15 18.18 -39.03 9.82
CA ASN A 15 19.35 -39.37 10.62
C ASN A 15 20.13 -40.59 10.13
N SER A 16 19.54 -41.34 9.21
CA SER A 16 20.20 -42.54 8.69
C SER A 16 21.46 -42.20 7.91
N ASN A 17 22.29 -43.19 7.67
CA ASN A 17 23.50 -43.01 6.87
C ASN A 17 23.29 -43.49 5.44
N ASN A 18 22.20 -43.05 4.81
CA ASN A 18 21.77 -43.54 3.50
C ASN A 18 21.07 -42.40 2.80
N LEU A 19 21.65 -41.90 1.71
CA LEU A 19 21.16 -40.68 1.04
C LEU A 19 19.72 -40.81 0.55
N GLU A 20 19.38 -41.96 -0.03
CA GLU A 20 18.02 -42.25 -0.48
C GLU A 20 17.01 -42.28 0.67
N SER A 21 17.38 -42.90 1.79
CA SER A 21 16.53 -42.87 2.97
C SER A 21 16.30 -41.42 3.44
N GLN A 22 17.35 -40.61 3.36
CA GLN A 22 17.26 -39.20 3.73
C GLN A 22 16.34 -38.43 2.80
N LEU A 23 16.47 -38.71 1.49
CA LEU A 23 15.61 -38.11 0.47
C LEU A 23 14.14 -38.49 0.68
N GLN A 24 13.90 -39.75 0.99
CA GLN A 24 12.54 -40.24 1.18
C GLN A 24 11.92 -39.52 2.39
N ALA A 25 12.68 -39.39 3.47
CA ALA A 25 12.13 -38.76 4.68
C ALA A 25 11.97 -37.23 4.52
N THR A 26 12.89 -36.60 3.79
CA THR A 26 12.79 -35.15 3.53
C THR A 26 11.54 -34.85 2.68
N GLN A 27 11.29 -35.69 1.68
CA GLN A 27 10.06 -35.57 0.91
C GLN A 27 8.81 -35.74 1.78
N ALA A 28 8.86 -36.71 2.69
CA ALA A 28 7.78 -36.91 3.67
C ALA A 28 7.54 -35.64 4.51
N ALA A 29 8.62 -34.99 4.94
CA ALA A 29 8.54 -33.71 5.66
C ALA A 29 7.86 -32.62 4.83
N ARG A 30 8.24 -32.54 3.56
CA ARG A 30 7.69 -31.56 2.63
C ARG A 30 6.18 -31.72 2.51
N LYS A 31 5.72 -32.96 2.43
CA LYS A 31 4.29 -33.21 2.29
C LYS A 31 3.51 -32.89 3.57
N LEU A 32 4.05 -33.25 4.74
CA LEU A 32 3.51 -32.79 6.02
C LEU A 32 3.39 -31.26 6.08
N LEU A 33 4.42 -30.58 5.60
CA LEU A 33 4.47 -29.12 5.69
C LEU A 33 3.62 -28.45 4.62
N SER A 34 3.12 -29.23 3.66
CA SER A 34 2.32 -28.68 2.55
C SER A 34 0.82 -28.92 2.72
N ARG A 35 0.39 -29.48 3.84
CA ARG A 35 -1.03 -29.72 4.07
C ARG A 35 -1.70 -28.45 4.58
N GLU A 36 -2.97 -28.27 4.23
CA GLU A 36 -3.65 -27.00 4.48
C GLU A 36 -4.06 -26.81 5.95
N LYS A 37 -4.49 -27.89 6.60
CA LYS A 37 -4.91 -27.76 7.99
C LYS A 37 -3.78 -28.06 8.96
N GLN A 38 -3.38 -27.04 9.72
CA GLN A 38 -2.36 -27.13 10.77
C GLN A 38 -1.13 -27.96 10.42
N PRO A 39 -0.30 -27.49 9.48
CA PRO A 39 0.98 -28.20 9.28
C PRO A 39 1.86 -28.09 10.52
N PRO A 40 2.42 -29.22 10.97
CA PRO A 40 3.12 -29.23 12.26
C PRO A 40 4.50 -28.56 12.21
N ILE A 41 4.54 -27.26 11.97
CA ILE A 41 5.82 -26.56 11.84
C ILE A 41 6.66 -26.61 13.11
N ASP A 42 6.04 -26.32 14.26
CA ASP A 42 6.78 -26.27 15.53
C ASP A 42 7.32 -27.66 15.91
N ASN A 43 6.57 -28.70 15.58
CA ASN A 43 7.05 -30.07 15.83
C ASN A 43 8.30 -30.40 15.01
N ILE A 44 8.28 -30.03 13.72
CA ILE A 44 9.44 -30.17 12.84
C ILE A 44 10.66 -29.41 13.37
N ILE A 45 10.44 -28.16 13.77
CA ILE A 45 11.51 -27.32 14.33
C ILE A 45 12.06 -27.91 15.63
N ARG A 46 11.16 -28.32 16.53
CA ARG A 46 11.56 -28.92 17.80
C ARG A 46 12.39 -30.21 17.59
N ALA A 47 12.14 -30.93 16.49
CA ALA A 47 12.89 -32.17 16.22
C ALA A 47 14.30 -31.87 15.75
N GLY A 48 14.62 -30.60 15.57
CA GLY A 48 15.97 -30.23 15.15
C GLY A 48 16.22 -30.38 13.66
N LEU A 49 15.17 -30.33 12.84
CA LEU A 49 15.32 -30.66 11.42
C LEU A 49 15.82 -29.52 10.52
N ILE A 50 15.70 -28.27 10.96
CA ILE A 50 16.08 -27.15 10.11
C ILE A 50 17.54 -27.21 9.67
N PRO A 51 18.49 -27.42 10.63
CA PRO A 51 19.88 -27.51 10.18
C PRO A 51 20.17 -28.64 9.18
N LYS A 52 19.45 -29.77 9.29
CA LYS A 52 19.61 -30.87 8.34
C LYS A 52 19.11 -30.48 6.95
N PHE A 53 17.93 -29.86 6.92
CA PHE A 53 17.37 -29.32 5.68
C PHE A 53 18.34 -28.34 5.03
N VAL A 54 18.94 -27.48 5.85
CA VAL A 54 19.85 -26.47 5.32
C VAL A 54 21.11 -27.11 4.75
N SER A 55 21.62 -28.14 5.41
CA SER A 55 22.80 -28.80 4.86
C SER A 55 22.45 -29.52 3.54
N PHE A 56 21.21 -30.01 3.43
CA PHE A 56 20.77 -30.70 2.20
C PHE A 56 20.70 -29.70 1.03
N LEU A 57 20.53 -28.40 1.34
CA LEU A 57 20.47 -27.37 0.29
C LEU A 57 21.79 -27.35 -0.49
N GLY A 58 22.88 -27.68 0.18
CA GLY A 58 24.19 -27.67 -0.45
C GLY A 58 24.60 -28.96 -1.17
N LYS A 59 23.72 -29.97 -1.21
CA LYS A 59 24.05 -31.24 -1.86
C LYS A 59 23.90 -31.15 -3.37
N THR A 60 24.88 -30.57 -4.05
CA THR A 60 24.78 -30.37 -5.50
C THR A 60 24.64 -31.70 -6.24
N ASP A 61 25.23 -32.74 -5.68
CA ASP A 61 25.20 -34.08 -6.27
C ASP A 61 23.81 -34.76 -6.21
N CYS A 62 22.89 -34.20 -5.43
CA CYS A 62 21.57 -34.80 -5.29
C CYS A 62 20.46 -33.74 -5.35
N SER A 63 20.14 -33.31 -6.56
CA SER A 63 19.17 -32.24 -6.78
C SER A 63 17.76 -32.54 -6.25
N PRO A 64 17.31 -33.83 -6.25
CA PRO A 64 15.99 -33.99 -5.64
C PRO A 64 15.94 -33.64 -4.14
N ILE A 65 17.03 -33.85 -3.40
CA ILE A 65 17.00 -33.55 -1.97
C ILE A 65 17.22 -32.05 -1.74
N GLN A 66 17.86 -31.37 -2.69
CA GLN A 66 17.91 -29.92 -2.66
C GLN A 66 16.50 -29.38 -2.81
N PHE A 67 15.77 -29.95 -3.77
CA PHE A 67 14.41 -29.53 -4.06
C PHE A 67 13.46 -29.78 -2.89
N GLU A 68 13.53 -30.97 -2.30
CA GLU A 68 12.62 -31.32 -1.21
C GLU A 68 12.91 -30.50 0.05
N SER A 69 14.19 -30.33 0.37
CA SER A 69 14.55 -29.54 1.53
C SER A 69 14.28 -28.04 1.34
N ALA A 70 14.40 -27.54 0.10
CA ALA A 70 14.11 -26.13 -0.21
C ALA A 70 12.64 -25.84 0.02
N TRP A 71 11.79 -26.73 -0.49
CA TRP A 71 10.35 -26.61 -0.35
C TRP A 71 9.91 -26.68 1.12
N ALA A 72 10.49 -27.61 1.88
CA ALA A 72 10.25 -27.67 3.33
C ALA A 72 10.63 -26.36 4.05
N LEU A 73 11.82 -25.85 3.77
CA LEU A 73 12.26 -24.60 4.42
C LEU A 73 11.41 -23.42 3.98
N THR A 74 10.97 -23.40 2.72
CA THR A 74 10.10 -22.32 2.25
C THR A 74 8.79 -22.28 3.06
N ASN A 75 8.24 -23.44 3.37
CA ASN A 75 6.96 -23.48 4.06
C ASN A 75 7.11 -23.20 5.56
N ILE A 76 8.25 -23.53 6.15
CA ILE A 76 8.54 -23.10 7.51
C ILE A 76 8.75 -21.57 7.56
N ALA A 77 9.55 -21.02 6.64
CA ALA A 77 9.81 -19.57 6.63
C ALA A 77 8.56 -18.73 6.37
N SER A 78 7.51 -19.37 5.86
CA SER A 78 6.23 -18.72 5.63
C SER A 78 5.39 -18.53 6.90
N GLY A 79 5.85 -19.07 8.03
CA GLY A 79 5.06 -19.08 9.24
C GLY A 79 5.13 -17.79 10.06
N THR A 80 5.16 -17.95 11.36
CA THR A 80 5.33 -16.82 12.27
C THR A 80 6.74 -16.26 12.20
N SER A 81 6.92 -15.06 12.72
CA SER A 81 8.26 -14.47 12.81
C SER A 81 9.25 -15.37 13.53
N GLU A 82 8.82 -16.03 14.60
CA GLU A 82 9.71 -16.93 15.32
C GLU A 82 10.17 -18.12 14.45
N GLN A 83 9.26 -18.64 13.64
CA GLN A 83 9.55 -19.75 12.74
C GLN A 83 10.44 -19.31 11.56
N THR A 84 10.19 -18.11 11.01
CA THR A 84 11.07 -17.55 9.97
C THR A 84 12.46 -17.38 10.53
N LYS A 85 12.53 -16.88 11.76
CA LYS A 85 13.81 -16.69 12.45
C LYS A 85 14.58 -17.99 12.62
N ALA A 86 13.89 -19.07 12.95
CA ALA A 86 14.55 -20.37 13.09
C ALA A 86 15.23 -20.75 11.76
N VAL A 87 14.55 -20.45 10.66
CA VAL A 87 15.10 -20.74 9.33
C VAL A 87 16.37 -19.91 9.08
N VAL A 88 16.30 -18.62 9.39
CA VAL A 88 17.47 -17.75 9.26
C VAL A 88 18.59 -18.18 10.19
N ASP A 89 18.26 -18.54 11.43
CA ASP A 89 19.29 -18.94 12.38
C ASP A 89 19.98 -20.23 11.97
N GLY A 90 19.28 -21.07 11.20
CA GLY A 90 19.90 -22.27 10.64
C GLY A 90 20.88 -22.01 9.51
N GLY A 91 20.92 -20.76 9.03
CA GLY A 91 21.87 -20.40 7.98
C GLY A 91 21.30 -20.47 6.56
N ALA A 92 19.98 -20.45 6.43
CA ALA A 92 19.38 -20.65 5.11
C ALA A 92 19.59 -19.50 4.12
N ILE A 93 19.85 -18.26 4.57
CA ILE A 93 19.91 -17.14 3.61
C ILE A 93 21.01 -17.33 2.56
N PRO A 94 22.28 -17.51 2.97
CA PRO A 94 23.25 -17.68 1.88
C PRO A 94 23.07 -18.99 1.11
N ALA A 95 22.50 -20.01 1.73
CA ALA A 95 22.27 -21.30 1.07
C ALA A 95 21.23 -21.15 -0.05
N PHE A 96 20.18 -20.37 0.21
CA PHE A 96 19.22 -20.05 -0.84
C PHE A 96 19.77 -19.14 -1.93
N ILE A 97 20.59 -18.16 -1.56
CA ILE A 97 21.12 -17.24 -2.56
C ILE A 97 22.04 -18.02 -3.53
N SER A 98 22.81 -18.96 -3.00
CA SER A 98 23.61 -19.87 -3.84
C SER A 98 22.77 -20.72 -4.79
N LEU A 99 21.49 -20.91 -4.48
CA LEU A 99 20.62 -21.73 -5.32
C LEU A 99 19.83 -20.96 -6.38
N LEU A 100 19.86 -19.63 -6.31
CA LEU A 100 19.18 -18.78 -7.27
C LEU A 100 19.66 -19.06 -8.70
N ALA A 101 20.95 -19.35 -8.85
CA ALA A 101 21.51 -19.68 -10.17
C ALA A 101 21.50 -21.19 -10.47
N SER A 102 20.62 -21.96 -9.85
CA SER A 102 20.61 -23.39 -10.13
C SER A 102 20.10 -23.63 -11.55
N PRO A 103 20.71 -24.60 -12.25
CA PRO A 103 20.27 -25.03 -13.59
C PRO A 103 18.88 -25.66 -13.56
N HIS A 104 18.46 -26.19 -12.42
CA HIS A 104 17.10 -26.70 -12.26
C HIS A 104 16.14 -25.59 -11.90
N ALA A 105 15.20 -25.28 -12.78
CA ALA A 105 14.33 -24.12 -12.59
C ALA A 105 13.48 -24.23 -11.33
N HIS A 106 13.06 -25.44 -10.99
CA HIS A 106 12.17 -25.62 -9.85
C HIS A 106 12.88 -25.34 -8.54
N ILE A 107 14.18 -25.57 -8.51
CA ILE A 107 14.99 -25.28 -7.34
C ILE A 107 15.24 -23.77 -7.20
N SER A 108 15.60 -23.13 -8.31
CA SER A 108 15.76 -21.67 -8.31
C SER A 108 14.46 -20.96 -7.86
N GLU A 109 13.33 -21.48 -8.30
CA GLU A 109 12.03 -20.91 -7.94
C GLU A 109 11.73 -21.00 -6.43
N GLN A 110 12.10 -22.13 -5.82
CA GLN A 110 12.01 -22.32 -4.40
C GLN A 110 12.82 -21.30 -3.65
N ALA A 111 14.04 -21.06 -4.11
CA ALA A 111 14.96 -20.14 -3.47
C ALA A 111 14.43 -18.70 -3.56
N VAL A 112 13.85 -18.35 -4.71
CA VAL A 112 13.19 -17.04 -4.86
C VAL A 112 12.04 -16.90 -3.85
N TRP A 113 11.23 -17.96 -3.72
CA TRP A 113 10.04 -17.91 -2.88
C TRP A 113 10.43 -17.79 -1.42
N ALA A 114 11.45 -18.55 -1.03
CA ALA A 114 11.89 -18.62 0.36
C ALA A 114 12.53 -17.29 0.81
N LEU A 115 13.33 -16.70 -0.07
CA LEU A 115 13.98 -15.41 0.18
C LEU A 115 12.95 -14.28 0.27
N GLY A 116 11.88 -14.37 -0.53
CA GLY A 116 10.74 -13.48 -0.38
C GLY A 116 10.05 -13.61 0.98
N ASN A 117 9.81 -14.84 1.42
CA ASN A 117 9.25 -15.10 2.74
C ASN A 117 10.09 -14.54 3.89
N ILE A 118 11.40 -14.77 3.81
CA ILE A 118 12.33 -14.23 4.79
C ILE A 118 12.36 -12.69 4.77
N ALA A 119 12.51 -12.09 3.58
CA ALA A 119 12.51 -10.62 3.49
C ALA A 119 11.16 -10.03 3.92
N GLY A 120 10.09 -10.76 3.60
CA GLY A 120 8.72 -10.38 3.96
C GLY A 120 8.40 -10.36 5.46
N ASP A 121 9.27 -10.93 6.27
CA ASP A 121 9.08 -10.93 7.71
C ASP A 121 9.16 -9.52 8.34
N GLY A 122 10.04 -8.67 7.82
CA GLY A 122 10.22 -7.35 8.39
C GLY A 122 11.50 -6.67 7.93
N SER A 123 11.71 -5.43 8.40
CA SER A 123 12.88 -4.62 8.03
C SER A 123 14.26 -5.27 8.25
N ALA A 124 14.50 -5.87 9.42
CA ALA A 124 15.82 -6.42 9.73
C ALA A 124 16.20 -7.58 8.78
N PHE A 125 15.29 -8.54 8.62
CA PHE A 125 15.55 -9.68 7.75
C PHE A 125 15.58 -9.25 6.28
N ARG A 126 14.73 -8.30 5.89
CA ARG A 126 14.82 -7.71 4.54
C ARG A 126 16.23 -7.20 4.29
N ASP A 127 16.72 -6.40 5.23
CA ASP A 127 18.06 -5.81 5.11
C ASP A 127 19.15 -6.88 5.17
N LEU A 128 18.97 -7.91 5.99
CA LEU A 128 19.94 -9.03 6.05
C LEU A 128 20.00 -9.82 4.72
N VAL A 129 18.85 -10.03 4.09
CA VAL A 129 18.80 -10.66 2.77
C VAL A 129 19.58 -9.85 1.71
N ILE A 130 19.40 -8.53 1.73
CA ILE A 130 20.14 -7.62 0.85
C ILE A 130 21.67 -7.66 1.10
N LYS A 131 22.06 -7.60 2.37
CA LYS A 131 23.47 -7.71 2.75
C LYS A 131 24.17 -9.00 2.32
N HIS A 132 23.45 -10.14 2.33
CA HIS A 132 24.03 -11.40 1.85
C HIS A 132 24.11 -11.42 0.32
N GLY A 133 23.57 -10.40 -0.35
CA GLY A 133 23.76 -10.19 -1.78
C GLY A 133 22.69 -10.80 -2.69
N ALA A 134 21.42 -10.75 -2.31
CA ALA A 134 20.38 -11.45 -3.10
C ALA A 134 19.96 -10.71 -4.37
N ILE A 135 20.15 -9.39 -4.39
CA ILE A 135 19.56 -8.56 -5.43
C ILE A 135 20.17 -8.80 -6.83
N ASP A 136 21.50 -8.82 -6.96
CA ASP A 136 22.11 -9.07 -8.26
C ASP A 136 21.65 -10.40 -8.89
N PRO A 137 21.72 -11.51 -8.14
CA PRO A 137 21.24 -12.74 -8.81
C PRO A 137 19.73 -12.77 -9.04
N LEU A 138 18.93 -12.09 -8.20
CA LEU A 138 17.48 -12.01 -8.42
C LEU A 138 17.20 -11.26 -9.74
N LEU A 139 17.89 -10.14 -9.94
CA LEU A 139 17.66 -9.33 -11.13
C LEU A 139 18.20 -10.05 -12.38
N ALA A 140 19.26 -10.83 -12.21
CA ALA A 140 19.84 -11.58 -13.32
C ALA A 140 18.84 -12.61 -13.87
N LEU A 141 17.91 -13.06 -13.04
CA LEU A 141 16.91 -14.00 -13.53
C LEU A 141 15.92 -13.31 -14.47
N LEU A 142 15.89 -11.98 -14.45
CA LEU A 142 14.95 -11.24 -15.30
C LEU A 142 15.67 -10.59 -16.49
N ALA A 143 16.94 -10.94 -16.68
CA ALA A 143 17.73 -10.34 -17.77
C ALA A 143 17.52 -11.08 -19.09
N VAL A 144 16.31 -10.98 -19.62
CA VAL A 144 15.98 -11.51 -20.94
C VAL A 144 15.50 -10.34 -21.84
N PRO A 145 15.58 -10.52 -23.17
CA PRO A 145 15.12 -9.40 -24.00
C PRO A 145 13.60 -9.18 -23.92
N ASP A 146 12.82 -10.24 -23.82
CA ASP A 146 11.36 -10.13 -23.71
C ASP A 146 10.87 -10.94 -22.51
N LEU A 147 10.27 -10.26 -21.53
CA LEU A 147 9.75 -10.93 -20.33
C LEU A 147 8.71 -12.00 -20.65
N SER A 148 8.09 -11.90 -21.83
CA SER A 148 7.02 -12.82 -22.23
C SER A 148 7.50 -14.27 -22.46
N THR A 149 8.81 -14.49 -22.59
CA THR A 149 9.31 -15.86 -22.76
C THR A 149 9.47 -16.59 -21.42
N LEU A 150 9.28 -15.89 -20.30
CA LEU A 150 9.42 -16.55 -19.01
C LEU A 150 8.09 -17.15 -18.64
N ALA A 151 8.14 -18.31 -18.01
CA ALA A 151 6.98 -18.94 -17.41
C ALA A 151 6.27 -17.96 -16.49
N CYS A 152 4.95 -18.05 -16.50
CA CYS A 152 4.07 -17.13 -15.79
C CYS A 152 4.27 -17.11 -14.27
N GLY A 153 4.16 -18.28 -13.64
CA GLY A 153 4.31 -18.39 -12.18
C GLY A 153 5.70 -17.96 -11.74
N TYR A 154 6.70 -18.36 -12.53
CA TYR A 154 8.09 -17.94 -12.35
C TYR A 154 8.27 -16.40 -12.25
N LEU A 155 7.71 -15.68 -13.20
CA LEU A 155 7.76 -14.22 -13.24
C LEU A 155 6.98 -13.57 -12.07
N ARG A 156 5.78 -14.09 -11.80
CA ARG A 156 5.03 -13.60 -10.65
C ARG A 156 5.78 -13.83 -9.36
N ASN A 157 6.45 -14.98 -9.23
CA ASN A 157 7.30 -15.30 -8.07
C ASN A 157 8.39 -14.25 -7.83
N LEU A 158 9.20 -13.99 -8.88
CA LEU A 158 10.27 -12.99 -8.78
C LEU A 158 9.74 -11.58 -8.48
N THR A 159 8.60 -11.24 -9.10
CA THR A 159 8.00 -9.92 -8.89
C THR A 159 7.56 -9.77 -7.43
N TRP A 160 6.92 -10.82 -6.90
CA TRP A 160 6.45 -10.80 -5.51
C TRP A 160 7.64 -10.61 -4.55
N THR A 161 8.71 -11.37 -4.76
CA THR A 161 9.90 -11.29 -3.92
C THR A 161 10.59 -9.90 -4.01
N LEU A 162 10.69 -9.35 -5.22
CA LEU A 162 11.30 -8.03 -5.37
C LEU A 162 10.50 -6.98 -4.61
N SER A 163 9.18 -7.08 -4.64
CA SER A 163 8.33 -6.12 -3.95
C SER A 163 8.46 -6.23 -2.43
N ASN A 164 8.78 -7.41 -1.91
CA ASN A 164 9.08 -7.53 -0.48
C ASN A 164 10.40 -6.89 -0.07
N LEU A 165 11.36 -6.85 -1.00
CA LEU A 165 12.62 -6.12 -0.78
C LEU A 165 12.40 -4.62 -0.74
N CYS A 166 11.25 -4.18 -1.27
CA CYS A 166 10.84 -2.76 -1.23
C CYS A 166 9.94 -2.42 -0.05
N ARG A 167 9.43 -3.42 0.66
CA ARG A 167 8.21 -3.24 1.43
C ARG A 167 8.19 -2.44 2.75
N ASN A 168 9.02 -2.73 3.72
CA ASN A 168 8.65 -2.19 5.06
C ASN A 168 9.28 -0.84 5.40
N LYS A 169 9.05 -0.37 6.63
CA LYS A 169 9.59 0.91 7.09
C LYS A 169 10.26 0.82 8.46
N ASN A 170 10.83 1.92 8.93
CA ASN A 170 11.59 1.97 10.20
C ASN A 170 12.66 0.89 10.38
N PRO A 171 13.72 0.91 9.56
CA PRO A 171 13.93 1.89 8.48
C PRO A 171 13.33 1.40 7.14
N ALA A 172 13.24 2.31 6.19
CA ALA A 172 12.88 1.99 4.82
C ALA A 172 14.06 1.28 4.15
N PRO A 173 13.86 0.67 2.97
CA PRO A 173 15.00 -0.07 2.41
C PRO A 173 16.17 0.87 2.09
N PRO A 174 17.41 0.35 2.09
CA PRO A 174 18.60 1.14 1.76
C PRO A 174 18.47 1.86 0.40
N LEU A 175 18.84 3.15 0.35
CA LEU A 175 18.71 3.93 -0.88
C LEU A 175 19.32 3.25 -2.09
N ASP A 176 20.49 2.66 -1.87
CA ASP A 176 21.24 1.96 -2.91
CA ASP A 176 21.23 1.97 -2.93
C ASP A 176 20.50 0.73 -3.46
N ALA A 177 19.83 0.00 -2.57
CA ALA A 177 19.08 -1.18 -2.99
C ALA A 177 17.86 -0.76 -3.80
N VAL A 178 17.19 0.29 -3.35
CA VAL A 178 16.05 0.84 -4.08
C VAL A 178 16.48 1.24 -5.51
N GLU A 179 17.60 1.96 -5.64
CA GLU A 179 18.04 2.42 -6.96
C GLU A 179 18.44 1.26 -7.84
N GLN A 180 19.01 0.22 -7.23
CA GLN A 180 19.38 -0.98 -7.98
C GLN A 180 18.15 -1.71 -8.54
N ILE A 181 17.09 -1.82 -7.74
CA ILE A 181 15.86 -2.50 -8.14
C ILE A 181 14.92 -1.69 -9.07
N LEU A 182 14.87 -0.37 -8.92
CA LEU A 182 13.84 0.43 -9.61
C LEU A 182 13.73 0.23 -11.14
N PRO A 183 14.85 0.21 -11.89
CA PRO A 183 14.71 -0.01 -13.34
C PRO A 183 13.98 -1.31 -13.73
N THR A 184 14.21 -2.38 -12.99
CA THR A 184 13.51 -3.64 -13.27
C THR A 184 12.02 -3.50 -12.95
N LEU A 185 11.73 -2.85 -11.83
CA LEU A 185 10.35 -2.54 -11.46
C LEU A 185 9.61 -1.76 -12.56
N VAL A 186 10.27 -0.75 -13.14
CA VAL A 186 9.69 0.02 -14.24
C VAL A 186 9.34 -0.87 -15.45
N ARG A 187 10.23 -1.76 -15.80
CA ARG A 187 9.97 -2.72 -16.87
C ARG A 187 8.77 -3.65 -16.53
N LEU A 188 8.74 -4.16 -15.31
CA LEU A 188 7.67 -5.03 -14.87
C LEU A 188 6.31 -4.33 -14.89
N LEU A 189 6.31 -3.04 -14.55
CA LEU A 189 5.11 -2.21 -14.57
C LEU A 189 4.50 -2.07 -15.99
N HIS A 190 5.27 -2.48 -17.00
CA HIS A 190 4.83 -2.47 -18.39
C HIS A 190 4.54 -3.88 -18.94
N HIS A 191 4.63 -4.89 -18.09
CA HIS A 191 4.40 -6.27 -18.52
C HIS A 191 2.90 -6.59 -18.57
N ASN A 192 2.47 -7.33 -19.59
CA ASN A 192 1.06 -7.70 -19.66
C ASN A 192 0.67 -8.98 -18.92
N ASP A 193 0.62 -8.89 -17.60
CA ASP A 193 0.02 -9.94 -16.77
C ASP A 193 -0.51 -9.29 -15.52
N PRO A 194 -1.78 -9.51 -15.21
CA PRO A 194 -2.40 -8.72 -14.14
C PRO A 194 -1.74 -8.89 -12.79
N GLU A 195 -1.22 -10.08 -12.47
CA GLU A 195 -0.56 -10.26 -11.17
C GLU A 195 0.77 -9.53 -11.08
N VAL A 196 1.58 -9.59 -12.14
CA VAL A 196 2.86 -8.86 -12.15
C VAL A 196 2.61 -7.37 -11.99
N LEU A 197 1.59 -6.85 -12.68
CA LEU A 197 1.22 -5.43 -12.61
C LEU A 197 0.76 -5.06 -11.21
N ALA A 198 -0.12 -5.88 -10.61
CA ALA A 198 -0.53 -5.65 -9.22
C ALA A 198 0.66 -5.61 -8.25
N ASP A 199 1.55 -6.60 -8.35
CA ASP A 199 2.70 -6.70 -7.46
C ASP A 199 3.67 -5.55 -7.68
N SER A 200 3.83 -5.15 -8.94
CA SER A 200 4.66 -4.00 -9.30
C SER A 200 4.11 -2.71 -8.71
N CYS A 201 2.79 -2.53 -8.77
CA CYS A 201 2.15 -1.36 -8.19
C CYS A 201 2.28 -1.37 -6.67
N TRP A 202 2.17 -2.54 -6.05
CA TRP A 202 2.39 -2.63 -4.60
C TRP A 202 3.79 -2.17 -4.25
N ALA A 203 4.79 -2.65 -4.99
CA ALA A 203 6.18 -2.27 -4.76
C ALA A 203 6.35 -0.75 -4.89
N ILE A 204 5.77 -0.16 -5.94
CA ILE A 204 5.84 1.28 -6.10
C ILE A 204 5.11 1.99 -4.95
N SER A 205 3.96 1.48 -4.52
CA SER A 205 3.27 2.11 -3.40
C SER A 205 4.16 2.09 -2.15
N TYR A 206 4.95 1.03 -1.97
CA TYR A 206 5.82 0.97 -0.78
C TYR A 206 6.92 2.02 -0.84
N LEU A 207 7.52 2.16 -2.02
CA LEU A 207 8.64 3.06 -2.21
C LEU A 207 8.22 4.53 -2.10
N THR A 208 6.94 4.82 -2.32
CA THR A 208 6.45 6.20 -2.30
C THR A 208 5.88 6.57 -0.94
N ASP A 209 5.79 5.57 -0.08
CA ASP A 209 5.26 5.72 1.27
C ASP A 209 6.37 6.22 2.20
N GLY A 210 6.77 7.47 2.04
CA GLY A 210 7.80 8.06 2.87
C GLY A 210 8.04 9.53 2.59
N PRO A 211 9.19 10.06 3.02
CA PRO A 211 9.49 11.47 2.74
C PRO A 211 9.63 11.76 1.24
N ASN A 212 9.65 13.05 0.92
CA ASN A 212 9.60 13.52 -0.46
C ASN A 212 10.81 13.09 -1.28
N GLU A 213 11.95 12.89 -0.63
CA GLU A 213 13.14 12.41 -1.35
C GLU A 213 12.92 10.99 -1.85
N ARG A 214 12.18 10.20 -1.07
CA ARG A 214 11.86 8.83 -1.48
C ARG A 214 10.92 8.82 -2.69
N ILE A 215 9.88 9.65 -2.64
CA ILE A 215 8.94 9.83 -3.74
C ILE A 215 9.66 10.31 -5.00
N GLU A 216 10.60 11.22 -4.80
CA GLU A 216 11.33 11.79 -5.93
C GLU A 216 12.08 10.74 -6.75
N MET A 217 12.77 9.82 -6.08
CA MET A 217 13.57 8.86 -6.86
C MET A 217 12.66 7.93 -7.67
N VAL A 218 11.40 7.82 -7.28
CA VAL A 218 10.40 7.10 -8.07
C VAL A 218 9.84 7.94 -9.23
N VAL A 219 9.41 9.16 -8.93
CA VAL A 219 8.85 10.05 -9.94
C VAL A 219 9.90 10.35 -11.03
N LYS A 220 11.17 10.40 -10.64
CA LYS A 220 12.27 10.66 -11.58
C LYS A 220 12.42 9.56 -12.62
N LYS A 221 11.92 8.36 -12.32
CA LYS A 221 11.97 7.24 -13.25
C LYS A 221 10.90 7.33 -14.35
N GLY A 222 10.01 8.32 -14.24
CA GLY A 222 8.97 8.56 -15.24
C GLY A 222 7.76 7.64 -15.19
N VAL A 223 7.48 7.03 -14.03
CA VAL A 223 6.39 6.06 -13.94
C VAL A 223 4.99 6.63 -13.76
N VAL A 224 4.88 7.93 -13.49
CA VAL A 224 3.56 8.48 -13.15
C VAL A 224 2.53 8.28 -14.28
N PRO A 225 2.89 8.56 -15.56
CA PRO A 225 1.92 8.23 -16.63
C PRO A 225 1.46 6.76 -16.65
N GLN A 226 2.37 5.81 -16.49
CA GLN A 226 1.96 4.40 -16.43
C GLN A 226 1.06 4.11 -15.22
N LEU A 227 1.35 4.70 -14.07
CA LEU A 227 0.53 4.50 -12.87
C LEU A 227 -0.89 5.02 -13.06
N VAL A 228 -1.01 6.18 -13.70
CA VAL A 228 -2.30 6.76 -14.02
C VAL A 228 -3.07 5.87 -14.99
N LYS A 229 -2.36 5.26 -15.94
CA LYS A 229 -3.00 4.31 -16.85
C LYS A 229 -3.55 3.08 -16.08
N LEU A 230 -2.77 2.55 -15.14
CA LEU A 230 -3.19 1.39 -14.37
C LEU A 230 -4.33 1.75 -13.43
N LEU A 231 -4.38 3.02 -13.06
CA LEU A 231 -5.44 3.54 -12.21
C LEU A 231 -6.82 3.35 -12.86
N GLY A 232 -6.83 3.30 -14.19
CA GLY A 232 -8.06 3.08 -14.93
C GLY A 232 -8.35 1.64 -15.34
N ALA A 233 -7.56 0.69 -14.85
CA ALA A 233 -7.75 -0.73 -15.17
C ALA A 233 -9.11 -1.23 -14.70
N THR A 234 -9.55 -2.36 -15.25
CA THR A 234 -10.84 -2.95 -14.85
C THR A 234 -10.65 -3.85 -13.63
N GLU A 235 -9.43 -4.35 -13.46
CA GLU A 235 -9.10 -5.24 -12.35
C GLU A 235 -8.87 -4.46 -11.05
N LEU A 236 -9.73 -4.70 -10.07
CA LEU A 236 -9.58 -4.11 -8.75
C LEU A 236 -8.22 -4.41 -8.08
N PRO A 237 -7.67 -5.63 -8.26
CA PRO A 237 -6.34 -5.83 -7.67
C PRO A 237 -5.22 -4.99 -8.29
N ILE A 238 -5.48 -4.38 -9.44
CA ILE A 238 -4.49 -3.44 -10.00
C ILE A 238 -4.81 -2.04 -9.51
N VAL A 239 -6.09 -1.71 -9.50
CA VAL A 239 -6.52 -0.33 -9.20
C VAL A 239 -6.12 0.05 -7.78
N THR A 240 -6.28 -0.89 -6.86
CA THR A 240 -6.03 -0.60 -5.44
C THR A 240 -4.59 -0.15 -5.12
N PRO A 241 -3.55 -0.91 -5.57
CA PRO A 241 -2.21 -0.37 -5.30
C PRO A 241 -1.82 0.81 -6.20
N ALA A 242 -2.37 0.91 -7.40
CA ALA A 242 -2.07 2.05 -8.25
C ALA A 242 -2.58 3.33 -7.58
N LEU A 243 -3.80 3.27 -7.03
CA LEU A 243 -4.37 4.42 -6.31
C LEU A 243 -3.59 4.75 -5.03
N ARG A 244 -3.16 3.72 -4.31
CA ARG A 244 -2.30 3.91 -3.15
C ARG A 244 -1.04 4.68 -3.53
N ALA A 245 -0.35 4.20 -4.56
CA ALA A 245 0.86 4.82 -5.05
C ALA A 245 0.61 6.27 -5.45
N ILE A 246 -0.45 6.50 -6.23
CA ILE A 246 -0.80 7.85 -6.68
C ILE A 246 -1.08 8.78 -5.49
N GLY A 247 -1.82 8.26 -4.51
CA GLY A 247 -2.14 8.97 -3.27
C GLY A 247 -0.90 9.29 -2.45
N ASN A 248 0.07 8.38 -2.43
CA ASN A 248 1.34 8.63 -1.77
C ASN A 248 2.12 9.76 -2.44
N ILE A 249 2.16 9.77 -3.77
CA ILE A 249 2.91 10.79 -4.49
C ILE A 249 2.36 12.23 -4.24
N VAL A 250 1.05 12.41 -4.16
CA VAL A 250 0.51 13.76 -3.95
C VAL A 250 0.61 14.19 -2.47
N THR A 251 1.14 13.34 -1.60
CA THR A 251 1.54 13.80 -0.27
C THR A 251 2.88 14.56 -0.36
N GLY A 252 3.50 14.57 -1.53
CA GLY A 252 4.80 15.21 -1.71
C GLY A 252 4.71 16.71 -2.03
N THR A 253 5.65 17.21 -2.83
CA THR A 253 5.72 18.62 -3.18
C THR A 253 4.62 18.98 -4.16
N ASP A 254 4.41 20.29 -4.36
CA ASP A 254 3.43 20.76 -5.33
C ASP A 254 3.86 20.35 -6.73
N GLU A 255 5.17 20.32 -6.98
CA GLU A 255 5.69 19.90 -8.27
C GLU A 255 5.49 18.39 -8.50
N GLN A 256 5.66 17.59 -7.45
CA GLN A 256 5.41 16.14 -7.55
C GLN A 256 3.92 15.90 -7.77
N THR A 257 3.09 16.63 -7.03
CA THR A 257 1.63 16.58 -7.23
C THR A 257 1.22 17.00 -8.66
N GLN A 258 1.87 18.03 -9.21
CA GLN A 258 1.54 18.49 -10.57
C GLN A 258 1.80 17.43 -11.62
N LYS A 259 2.83 16.59 -11.43
CA LYS A 259 3.09 15.50 -12.37
C LYS A 259 1.91 14.50 -12.44
N VAL A 260 1.27 14.27 -11.30
CA VAL A 260 0.08 13.43 -11.25
C VAL A 260 -1.10 14.06 -12.02
N ILE A 261 -1.35 15.35 -11.78
CA ILE A 261 -2.38 16.08 -12.52
C ILE A 261 -2.03 16.12 -14.02
N ASP A 262 -0.77 16.43 -14.35
CA ASP A 262 -0.35 16.49 -15.76
C ASP A 262 -0.55 15.18 -16.53
N ALA A 263 -0.44 14.07 -15.80
CA ALA A 263 -0.58 12.74 -16.41
C ALA A 263 -2.04 12.39 -16.69
N GLY A 264 -2.96 13.27 -16.32
CA GLY A 264 -4.38 13.04 -16.57
C GLY A 264 -5.13 12.27 -15.49
N ALA A 265 -4.62 12.27 -14.27
CA ALA A 265 -5.22 11.47 -13.20
C ALA A 265 -6.62 11.94 -12.83
N LEU A 266 -6.89 13.24 -12.92
CA LEU A 266 -8.16 13.77 -12.42
C LEU A 266 -9.36 13.21 -13.20
N ALA A 267 -9.14 12.87 -14.46
CA ALA A 267 -10.20 12.33 -15.31
C ALA A 267 -10.72 10.97 -14.83
N VAL A 268 -9.93 10.26 -14.05
CA VAL A 268 -10.36 8.94 -13.56
C VAL A 268 -11.23 9.09 -12.32
N PHE A 269 -11.18 10.26 -11.70
CA PHE A 269 -11.79 10.40 -10.37
C PHE A 269 -13.32 10.45 -10.26
N PRO A 270 -14.05 10.85 -11.33
CA PRO A 270 -15.51 10.64 -11.24
C PRO A 270 -15.91 9.19 -10.97
N SER A 271 -15.26 8.24 -11.61
CA SER A 271 -15.48 6.83 -11.29
C SER A 271 -15.02 6.45 -9.89
N LEU A 272 -13.81 6.87 -9.53
CA LEU A 272 -13.22 6.43 -8.27
C LEU A 272 -13.98 6.95 -7.06
N LEU A 273 -14.51 8.19 -7.16
CA LEU A 273 -15.26 8.81 -6.07
C LEU A 273 -16.70 8.27 -5.95
N THR A 274 -17.12 7.43 -6.89
CA THR A 274 -18.42 6.75 -6.81
C THR A 274 -18.24 5.22 -6.85
N ASN A 275 -17.00 4.76 -6.66
CA ASN A 275 -16.68 3.34 -6.77
C ASN A 275 -17.41 2.51 -5.72
N PRO A 276 -17.99 1.38 -6.13
CA PRO A 276 -18.74 0.55 -5.18
C PRO A 276 -17.88 -0.14 -4.11
N LYS A 277 -16.57 -0.17 -4.28
CA LYS A 277 -15.69 -0.70 -3.23
C LYS A 277 -15.33 0.42 -2.23
N THR A 278 -15.76 0.26 -0.98
CA THR A 278 -15.62 1.29 0.04
C THR A 278 -14.21 1.85 0.16
N ASN A 279 -13.23 0.95 0.22
CA ASN A 279 -11.82 1.32 0.35
CA ASN A 279 -11.85 1.39 0.39
C ASN A 279 -11.29 2.15 -0.81
N ILE A 280 -11.77 1.87 -2.03
CA ILE A 280 -11.34 2.62 -3.22
C ILE A 280 -11.85 4.07 -3.15
N GLN A 281 -13.12 4.21 -2.80
CA GLN A 281 -13.76 5.52 -2.62
C GLN A 281 -13.10 6.29 -1.46
N LYS A 282 -12.69 5.58 -0.41
CA LYS A 282 -12.02 6.23 0.71
C LYS A 282 -10.66 6.79 0.31
N GLU A 283 -9.83 5.96 -0.35
CA GLU A 283 -8.48 6.41 -0.70
C GLU A 283 -8.48 7.42 -1.84
N ALA A 284 -9.51 7.40 -2.68
CA ALA A 284 -9.68 8.42 -3.72
C ALA A 284 -9.99 9.79 -3.09
N THR A 285 -10.87 9.78 -2.10
CA THR A 285 -11.22 11.01 -1.40
C THR A 285 -10.03 11.53 -0.59
N TRP A 286 -9.31 10.64 0.08
CA TRP A 286 -8.06 10.98 0.75
C TRP A 286 -7.09 11.62 -0.23
N THR A 287 -6.99 11.02 -1.42
CA THR A 287 -6.13 11.58 -2.46
C THR A 287 -6.58 12.99 -2.87
N MET A 288 -7.88 13.19 -3.03
CA MET A 288 -8.41 14.53 -3.33
C MET A 288 -8.07 15.55 -2.22
N SER A 289 -8.11 15.13 -0.96
CA SER A 289 -7.85 16.04 0.15
C SER A 289 -6.43 16.60 0.07
N ASN A 290 -5.50 15.82 -0.48
CA ASN A 290 -4.11 16.28 -0.63
C ASN A 290 -3.90 17.14 -1.87
N ILE A 291 -4.67 16.90 -2.91
CA ILE A 291 -4.62 17.77 -4.08
C ILE A 291 -5.25 19.14 -3.76
N THR A 292 -6.27 19.17 -2.90
CA THR A 292 -6.89 20.45 -2.55
C THR A 292 -6.07 21.22 -1.50
N ALA A 293 -5.03 20.57 -0.97
CA ALA A 293 -4.10 21.23 -0.08
C ALA A 293 -2.94 21.84 -0.86
N GLY A 294 -3.02 21.76 -2.19
CA GLY A 294 -1.99 22.31 -3.05
C GLY A 294 -2.22 23.76 -3.44
N ARG A 295 -1.61 24.19 -4.55
CA ARG A 295 -1.71 25.57 -5.01
C ARG A 295 -3.10 25.91 -5.53
N GLN A 296 -3.35 27.21 -5.71
CA GLN A 296 -4.62 27.68 -6.22
C GLN A 296 -4.87 27.26 -7.67
N ASP A 297 -3.80 27.13 -8.46
CA ASP A 297 -3.98 26.67 -9.83
C ASP A 297 -4.22 25.15 -9.89
N GLN A 298 -3.92 24.45 -8.80
CA GLN A 298 -4.18 23.01 -8.70
C GLN A 298 -5.61 22.78 -8.21
N ILE A 299 -6.02 23.55 -7.22
CA ILE A 299 -7.44 23.64 -6.86
C ILE A 299 -8.31 23.96 -8.08
N GLN A 300 -7.83 24.86 -8.95
CA GLN A 300 -8.58 25.27 -10.13
C GLN A 300 -8.79 24.14 -11.13
N GLN A 301 -7.83 23.23 -11.21
CA GLN A 301 -7.95 22.09 -12.11
C GLN A 301 -8.96 21.09 -11.58
N VAL A 302 -9.05 20.98 -10.25
CA VAL A 302 -10.11 20.18 -9.64
C VAL A 302 -11.46 20.77 -10.05
N VAL A 303 -11.55 22.10 -10.05
CA VAL A 303 -12.76 22.78 -10.45
C VAL A 303 -13.10 22.47 -11.92
N ASN A 304 -12.15 22.69 -12.82
CA ASN A 304 -12.37 22.50 -14.26
C ASN A 304 -12.73 21.05 -14.62
N HIS A 305 -12.19 20.09 -13.89
CA HIS A 305 -12.51 18.68 -14.15
C HIS A 305 -13.85 18.23 -13.58
N GLY A 306 -14.65 19.16 -13.06
CA GLY A 306 -15.97 18.83 -12.56
C GLY A 306 -15.99 18.03 -11.28
N LEU A 307 -14.92 18.10 -10.50
CA LEU A 307 -14.84 17.21 -9.37
C LEU A 307 -15.48 17.72 -8.07
N VAL A 308 -15.74 19.01 -7.97
CA VAL A 308 -16.36 19.54 -6.76
C VAL A 308 -17.76 18.94 -6.49
N PRO A 309 -18.63 18.83 -7.52
CA PRO A 309 -19.89 18.13 -7.23
C PRO A 309 -19.70 16.69 -6.72
N PHE A 310 -18.66 16.00 -7.20
CA PHE A 310 -18.40 14.66 -6.67
C PHE A 310 -17.95 14.74 -5.19
N LEU A 311 -17.22 15.78 -4.82
CA LEU A 311 -16.85 15.97 -3.42
C LEU A 311 -18.10 16.26 -2.58
N VAL A 312 -18.99 17.09 -3.10
CA VAL A 312 -20.26 17.31 -2.43
C VAL A 312 -21.02 15.98 -2.32
N GLY A 313 -20.91 15.16 -3.36
CA GLY A 313 -21.53 13.84 -3.36
C GLY A 313 -21.10 12.98 -2.19
N VAL A 314 -19.78 12.76 -2.07
CA VAL A 314 -19.22 11.95 -1.00
C VAL A 314 -19.49 12.52 0.41
N LEU A 315 -19.48 13.84 0.53
CA LEU A 315 -19.78 14.46 1.82
C LEU A 315 -21.24 14.18 2.21
N SER A 316 -22.10 14.12 1.20
CA SER A 316 -23.54 13.90 1.39
C SER A 316 -23.89 12.47 1.80
N LYS A 317 -23.20 11.51 1.19
CA LYS A 317 -23.47 10.10 1.43
C LYS A 317 -22.27 9.25 1.08
N ALA A 318 -21.74 8.58 2.09
CA ALA A 318 -20.56 7.72 1.93
C ALA A 318 -20.37 6.98 3.24
N ASP A 319 -19.52 5.96 3.26
CA ASP A 319 -19.05 5.42 4.53
C ASP A 319 -18.45 6.55 5.38
N PHE A 320 -18.60 6.47 6.70
CA PHE A 320 -18.21 7.59 7.57
C PHE A 320 -16.73 7.97 7.44
N LYS A 321 -15.85 6.98 7.31
CA LYS A 321 -14.43 7.28 7.16
C LYS A 321 -14.14 8.06 5.88
N THR A 322 -14.94 7.80 4.85
CA THR A 322 -14.82 8.49 3.56
C THR A 322 -15.28 9.95 3.68
N GLN A 323 -16.41 10.14 4.36
CA GLN A 323 -16.94 11.47 4.67
C GLN A 323 -15.96 12.34 5.44
N LYS A 324 -15.22 11.72 6.35
CA LYS A 324 -14.21 12.43 7.12
C LYS A 324 -13.09 12.90 6.21
N GLU A 325 -12.67 12.05 5.28
CA GLU A 325 -11.70 12.46 4.27
C GLU A 325 -12.25 13.60 3.40
N ALA A 326 -13.55 13.58 3.10
CA ALA A 326 -14.15 14.62 2.28
C ALA A 326 -14.16 15.94 3.06
N ALA A 327 -14.49 15.85 4.35
CA ALA A 327 -14.43 17.02 5.24
C ALA A 327 -13.05 17.69 5.20
N TRP A 328 -12.00 16.87 5.25
CA TRP A 328 -10.62 17.36 5.10
C TRP A 328 -10.34 18.02 3.76
N ALA A 329 -10.77 17.37 2.68
CA ALA A 329 -10.65 17.94 1.36
C ALA A 329 -11.28 19.33 1.28
N ILE A 330 -12.44 19.50 1.94
CA ILE A 330 -13.15 20.77 1.92
C ILE A 330 -12.43 21.85 2.74
N THR A 331 -11.86 21.47 3.89
CA THR A 331 -11.13 22.43 4.72
C THR A 331 -9.84 22.86 4.07
N ASN A 332 -9.16 21.93 3.40
CA ASN A 332 -7.96 22.30 2.66
C ASN A 332 -8.29 23.24 1.52
N TYR A 333 -9.37 22.92 0.79
CA TYR A 333 -9.83 23.72 -0.34
C TYR A 333 -10.13 25.16 0.09
N THR A 334 -10.84 25.31 1.20
CA THR A 334 -11.26 26.64 1.62
C THR A 334 -10.10 27.38 2.26
N SER A 335 -9.13 26.64 2.80
CA SER A 335 -7.94 27.27 3.36
C SER A 335 -7.01 27.80 2.28
N GLY A 336 -6.89 27.09 1.16
CA GLY A 336 -6.01 27.57 0.11
C GLY A 336 -6.65 28.25 -1.10
N GLY A 337 -7.96 28.09 -1.28
CA GLY A 337 -8.59 28.56 -2.50
C GLY A 337 -8.84 30.06 -2.57
N THR A 338 -9.05 30.59 -3.78
CA THR A 338 -9.44 31.99 -3.94
C THR A 338 -10.87 32.24 -3.45
N VAL A 339 -11.22 33.51 -3.23
CA VAL A 339 -12.60 33.91 -2.93
C VAL A 339 -13.58 33.33 -3.95
N GLU A 340 -13.25 33.48 -5.23
CA GLU A 340 -14.09 32.96 -6.30
C GLU A 340 -14.20 31.40 -6.26
N GLN A 341 -13.11 30.70 -5.95
CA GLN A 341 -13.16 29.24 -5.86
C GLN A 341 -14.05 28.78 -4.69
N ILE A 342 -14.03 29.56 -3.62
CA ILE A 342 -14.87 29.28 -2.46
C ILE A 342 -16.36 29.56 -2.72
N VAL A 343 -16.65 30.65 -3.42
CA VAL A 343 -18.01 30.97 -3.83
C VAL A 343 -18.60 29.86 -4.73
N TYR A 344 -17.81 29.42 -5.71
CA TYR A 344 -18.21 28.27 -6.53
C TYR A 344 -18.54 27.03 -5.68
N LEU A 345 -17.72 26.79 -4.66
CA LEU A 345 -17.95 25.65 -3.78
C LEU A 345 -19.32 25.76 -3.09
N VAL A 346 -19.68 26.97 -2.67
CA VAL A 346 -20.99 27.19 -2.07
C VAL A 346 -22.12 27.00 -3.11
N HIS A 347 -21.86 27.44 -4.34
CA HIS A 347 -22.84 27.27 -5.41
C HIS A 347 -23.11 25.80 -5.74
N CYS A 348 -22.13 24.93 -5.50
CA CYS A 348 -22.31 23.52 -5.80
C CYS A 348 -23.07 22.80 -4.70
N GLY A 349 -23.28 23.46 -3.56
CA GLY A 349 -24.13 22.93 -2.51
C GLY A 349 -23.41 22.33 -1.31
N ILE A 350 -22.24 22.87 -0.99
CA ILE A 350 -21.42 22.31 0.08
C ILE A 350 -21.98 22.53 1.49
N ILE A 351 -22.80 23.55 1.68
CA ILE A 351 -23.18 23.96 3.03
C ILE A 351 -24.01 22.93 3.78
N GLU A 352 -25.05 22.42 3.14
CA GLU A 352 -25.98 21.55 3.84
C GLU A 352 -25.34 20.22 4.27
N PRO A 353 -24.67 19.49 3.34
CA PRO A 353 -24.06 18.24 3.82
C PRO A 353 -22.97 18.46 4.89
N LEU A 354 -22.27 19.59 4.77
CA LEU A 354 -21.28 20.02 5.75
C LEU A 354 -21.92 20.21 7.13
N MET A 355 -23.03 20.96 7.18
CA MET A 355 -23.78 21.20 8.42
C MET A 355 -24.34 19.91 9.02
N ASN A 356 -24.87 19.03 8.17
CA ASN A 356 -25.42 17.77 8.65
C ASN A 356 -24.40 16.93 9.39
N LEU A 357 -23.13 17.07 9.04
CA LEU A 357 -22.06 16.27 9.64
C LEU A 357 -21.65 16.75 11.03
N LEU A 358 -22.17 17.90 11.45
CA LEU A 358 -21.93 18.40 12.80
C LEU A 358 -22.67 17.56 13.85
N SER A 359 -23.56 16.68 13.37
CA SER A 359 -24.23 15.73 14.24
C SER A 359 -23.34 14.55 14.59
N ALA A 360 -22.27 14.35 13.83
CA ALA A 360 -21.36 13.23 14.07
C ALA A 360 -20.71 13.35 15.45
N LYS A 361 -20.48 12.21 16.11
CA LYS A 361 -19.90 12.24 17.45
C LYS A 361 -18.37 12.37 17.45
N ASP A 362 -17.74 12.05 16.33
CA ASP A 362 -16.30 12.19 16.20
C ASP A 362 -15.87 13.64 16.36
N THR A 363 -15.07 13.91 17.39
CA THR A 363 -14.68 15.28 17.72
C THR A 363 -13.79 15.93 16.65
N LYS A 364 -12.87 15.16 16.08
CA LYS A 364 -11.91 15.72 15.14
C LYS A 364 -12.58 16.20 13.84
N ILE A 365 -13.64 15.54 13.39
CA ILE A 365 -14.31 15.99 12.17
C ILE A 365 -15.07 17.29 12.45
N ILE A 366 -15.60 17.42 13.67
CA ILE A 366 -16.34 18.61 14.07
C ILE A 366 -15.41 19.82 14.03
N GLN A 367 -14.18 19.62 14.48
CA GLN A 367 -13.14 20.64 14.42
C GLN A 367 -12.89 21.05 12.97
N VAL A 368 -12.66 20.05 12.12
CA VAL A 368 -12.37 20.27 10.71
C VAL A 368 -13.47 21.07 10.00
N ILE A 369 -14.72 20.71 10.28
CA ILE A 369 -15.87 21.34 9.66
C ILE A 369 -16.06 22.79 10.11
N LEU A 370 -15.86 23.01 11.41
CA LEU A 370 -15.92 24.36 11.97
C LEU A 370 -14.85 25.25 11.35
N ASP A 371 -13.66 24.71 11.16
CA ASP A 371 -12.59 25.41 10.44
C ASP A 371 -13.03 25.83 9.04
N ALA A 372 -13.73 24.92 8.36
CA ALA A 372 -14.15 25.16 6.99
C ALA A 372 -15.20 26.28 6.92
N ILE A 373 -16.16 26.22 7.83
CA ILE A 373 -17.20 27.22 7.94
C ILE A 373 -16.57 28.59 8.18
N SER A 374 -15.55 28.62 9.05
CA SER A 374 -14.81 29.86 9.30
C SER A 374 -14.17 30.41 8.04
N ASN A 375 -13.47 29.56 7.29
CA ASN A 375 -12.80 29.98 6.05
C ASN A 375 -13.78 30.52 5.02
N ILE A 376 -14.98 29.95 5.00
CA ILE A 376 -16.01 30.37 4.05
C ILE A 376 -16.60 31.72 4.48
N PHE A 377 -16.75 31.92 5.79
CA PHE A 377 -17.21 33.21 6.31
C PHE A 377 -16.19 34.33 6.02
N GLN A 378 -14.90 34.01 6.04
CA GLN A 378 -13.88 35.01 5.71
C GLN A 378 -13.95 35.40 4.23
N ALA A 379 -14.47 34.49 3.40
CA ALA A 379 -14.66 34.81 2.00
C ALA A 379 -15.85 35.75 1.84
N ALA A 380 -16.92 35.47 2.59
CA ALA A 380 -18.11 36.33 2.54
C ALA A 380 -17.83 37.70 3.15
N GLU A 381 -16.84 37.79 4.03
CA GLU A 381 -16.44 39.06 4.62
C GLU A 381 -15.86 40.00 3.55
N LYS A 382 -14.96 39.46 2.73
CA LYS A 382 -14.34 40.23 1.66
C LYS A 382 -15.37 40.66 0.60
N LEU A 383 -16.49 39.95 0.52
CA LEU A 383 -17.52 40.31 -0.45
C LEU A 383 -18.68 41.07 0.21
N GLY A 384 -18.61 41.25 1.52
CA GLY A 384 -19.67 41.89 2.27
C GLY A 384 -20.97 41.09 2.22
N GLU A 385 -20.84 39.75 2.26
CA GLU A 385 -21.99 38.88 2.10
C GLU A 385 -22.17 37.89 3.25
N THR A 386 -21.61 38.22 4.41
CA THR A 386 -21.73 37.34 5.58
C THR A 386 -23.17 37.03 5.92
N GLU A 387 -24.06 38.01 5.74
CA GLU A 387 -25.45 37.85 6.15
C GLU A 387 -26.17 36.81 5.28
N LYS A 388 -25.99 36.89 3.96
CA LYS A 388 -26.58 35.90 3.05
C LYS A 388 -26.09 34.49 3.38
N LEU A 389 -24.82 34.38 3.79
CA LEU A 389 -24.28 33.09 4.20
C LEU A 389 -24.95 32.60 5.48
N SER A 390 -25.11 33.50 6.46
CA SER A 390 -25.73 33.14 7.74
C SER A 390 -27.16 32.65 7.55
N ILE A 391 -27.86 33.22 6.59
CA ILE A 391 -29.24 32.83 6.30
C ILE A 391 -29.31 31.43 5.69
N MET A 392 -28.40 31.16 4.75
CA MET A 392 -28.27 29.82 4.17
C MET A 392 -28.06 28.77 5.25
N ILE A 393 -27.12 29.05 6.15
CA ILE A 393 -26.78 28.13 7.23
C ILE A 393 -27.95 27.94 8.18
N GLU A 394 -28.64 29.03 8.49
CA GLU A 394 -29.78 28.98 9.40
C GLU A 394 -30.94 28.18 8.82
N GLU A 395 -31.26 28.45 7.56
CA GLU A 395 -32.44 27.85 6.93
C GLU A 395 -32.33 26.34 6.70
N CYS A 396 -31.10 25.84 6.52
CA CYS A 396 -30.92 24.41 6.35
C CYS A 396 -30.75 23.74 7.70
N GLY A 397 -30.78 24.53 8.76
CA GLY A 397 -30.75 24.00 10.12
C GLY A 397 -29.36 23.91 10.72
N GLY A 398 -28.40 24.59 10.10
CA GLY A 398 -27.02 24.54 10.55
C GLY A 398 -26.80 25.24 11.88
N LEU A 399 -27.51 26.35 12.07
CA LEU A 399 -27.38 27.18 13.26
C LEU A 399 -27.67 26.40 14.54
N ASP A 400 -28.68 25.54 14.50
CA ASP A 400 -29.02 24.72 15.64
C ASP A 400 -27.90 23.74 15.97
N LYS A 401 -27.25 23.22 14.94
CA LYS A 401 -26.15 22.28 15.13
C LYS A 401 -24.95 22.97 15.77
N ILE A 402 -24.73 24.23 15.39
CA ILE A 402 -23.64 25.01 15.96
C ILE A 402 -23.94 25.42 17.40
N GLU A 403 -25.18 25.85 17.63
CA GLU A 403 -25.68 26.14 18.98
C GLU A 403 -25.42 24.97 19.92
N ALA A 404 -25.81 23.78 19.48
CA ALA A 404 -25.69 22.56 20.28
C ALA A 404 -24.23 22.16 20.56
N LEU A 405 -23.29 22.70 19.79
CA LEU A 405 -21.88 22.37 19.95
C LEU A 405 -21.28 22.95 21.21
N GLN A 406 -22.01 23.87 21.83
CA GLN A 406 -21.58 24.56 23.05
C GLN A 406 -21.84 23.74 24.32
N ARG A 407 -22.95 23.01 24.36
CA ARG A 407 -23.18 22.10 25.46
C ARG A 407 -22.21 20.92 25.34
N HIS A 408 -21.94 20.52 24.09
CA HIS A 408 -20.76 19.70 23.80
C HIS A 408 -19.54 20.42 24.35
N GLU A 409 -18.60 19.68 24.93
CA GLU A 409 -17.39 20.37 25.33
C GLU A 409 -16.16 19.63 24.81
N ASN A 410 -15.48 20.31 23.91
CA ASN A 410 -14.04 20.19 23.71
C ASN A 410 -13.58 21.63 23.82
N GLU A 411 -12.37 21.85 24.33
CA GLU A 411 -11.94 23.23 24.57
C GLU A 411 -12.03 24.04 23.27
N SER A 412 -11.53 23.48 22.17
CA SER A 412 -11.56 24.16 20.87
C SER A 412 -12.96 24.22 20.25
N VAL A 413 -13.72 23.13 20.36
CA VAL A 413 -15.04 23.04 19.75
C VAL A 413 -16.03 24.05 20.35
N TYR A 414 -16.21 23.98 21.67
CA TYR A 414 -17.00 24.93 22.44
C TYR A 414 -16.65 26.38 22.09
N LYS A 415 -15.34 26.64 22.04
CA LYS A 415 -14.79 27.92 21.60
C LYS A 415 -15.21 28.34 20.20
N ALA A 416 -14.84 27.51 19.21
CA ALA A 416 -15.02 27.86 17.80
C ALA A 416 -16.47 28.18 17.49
N SER A 417 -17.39 27.45 18.12
CA SER A 417 -18.82 27.66 17.90
C SER A 417 -19.31 28.96 18.52
N LEU A 418 -18.81 29.31 19.72
CA LEU A 418 -19.00 30.67 20.25
C LEU A 418 -18.68 31.78 19.27
N ASN A 419 -17.42 31.79 18.82
CA ASN A 419 -16.93 32.82 17.92
C ASN A 419 -17.88 33.02 16.75
N LEU A 420 -18.30 31.90 16.15
CA LEU A 420 -19.19 31.93 15.01
C LEU A 420 -20.55 32.54 15.36
N ILE A 421 -21.10 32.16 16.51
CA ILE A 421 -22.41 32.67 16.94
C ILE A 421 -22.35 34.15 17.33
N GLU A 422 -21.23 34.59 17.89
CA GLU A 422 -21.07 36.00 18.21
C GLU A 422 -20.78 36.83 16.96
N LYS A 423 -19.80 36.38 16.17
CA LYS A 423 -19.30 37.14 15.03
C LYS A 423 -20.35 37.28 13.92
N TYR A 424 -21.06 36.19 13.64
CA TYR A 424 -22.17 36.18 12.71
C TYR A 424 -23.35 35.63 13.49
N PHE A 425 -24.56 35.61 12.92
CA PHE A 425 -25.77 35.24 13.66
C PHE A 425 -26.08 36.15 14.86
N SER A 426 -25.51 37.36 14.86
CA SER A 426 -25.76 38.37 15.89
C SER A 426 -25.59 37.84 17.31
CBM 3D0 B . 2.19 8.47 2.43
CBN 3D0 B . 3.25 9.33 2.14
CBO 3D0 B . 4.23 9.60 3.13
CBP 3D0 B . 4.13 8.99 4.40
CBQ 3D0 B . 3.06 8.13 4.66
CBL 3D0 B . 2.09 7.85 3.68
CBK 3D0 B . 0.86 6.89 3.95
CBG 3D0 B . 0.00 7.35 5.15
CBH 3D0 B . -1.45 6.93 5.04
OBJ 3D0 B . -2.15 6.97 6.01
NBI 3D0 B . -1.99 6.45 3.77
NBE 3D0 B . 0.18 8.80 5.18
CBD 3D0 B . -0.73 9.89 5.60
OBF 3D0 B . -1.84 9.72 5.98
CAZ 3D0 B . -0.10 11.29 5.49
CBA 3D0 B . 1.08 11.43 6.47
CBB 3D0 B . 0.91 10.51 7.70
OBC 3D0 B . 1.19 12.75 6.91
NAY 3D0 B . -1.10 12.32 5.71
CAX 3D0 B . -1.45 12.91 4.39
CAG 3D0 B . -2.37 14.13 4.60
NAF 3D0 B . -1.78 15.36 4.08
C 3D0 B . -0.59 16.08 4.58
O 3D0 B . 0.06 15.73 5.51
CA 3D0 B . -0.27 17.36 3.81
N 3D0 B . -1.59 17.98 3.83
CAB 3D0 B . -1.82 19.30 4.43
OAQ 3D0 B . -0.90 19.91 4.89
CAA 3D0 B . -3.23 19.89 4.46
CB 3D0 B . 0.20 16.98 2.41
CG 3D0 B . 0.11 18.12 1.36
CD 3D0 B . 0.65 17.69 -0.03
CE 3D0 B . 0.24 18.66 -1.16
NZ 3D0 B . 0.36 18.05 -2.49
CAH 3D0 B . -2.75 14.31 6.08
OAI 3D0 B . -3.61 15.45 6.19
CAJ 3D0 B . -4.90 15.29 5.60
CAK 3D0 B . -5.74 14.32 6.46
CAL 3D0 B . -5.67 14.36 7.86
CAM 3D0 B . -6.43 13.45 8.59
CAN 3D0 B . -7.25 12.56 7.90
NAO 3D0 B . -7.31 12.54 6.57
CAP 3D0 B . -6.58 13.39 5.85
CBM 3D0 C . 6.27 -24.61 -3.78
CBN 3D0 C . 6.62 -24.94 -5.09
CBO 3D0 C . 7.34 -24.02 -5.89
CBP 3D0 C . 7.68 -22.78 -5.35
CBQ 3D0 C . 7.32 -22.46 -4.03
CBL 3D0 C . 6.60 -23.36 -3.22
CBK 3D0 C . 6.21 -22.98 -1.75
CBG 3D0 C . 4.71 -22.93 -1.30
CBH 3D0 C . 3.80 -23.06 -2.51
OBJ 3D0 C . 3.09 -24.01 -2.63
NBI 3D0 C . 3.72 -22.00 -3.51
NBE 3D0 C . 4.31 -21.72 -0.54
CBD 3D0 C . 3.57 -21.83 0.76
OBF 3D0 C . 3.27 -22.88 1.25
CAZ 3D0 C . 3.11 -20.60 1.53
CBA 3D0 C . 1.61 -20.60 1.25
CBB 3D0 C . 0.72 -19.66 2.09
OBC 3D0 C . 1.23 -21.95 1.43
NAY 3D0 C . 3.88 -19.47 1.04
CAX 3D0 C . 3.83 -18.49 2.10
CAG 3D0 C . 3.87 -17.16 1.42
NAF 3D0 C . 4.27 -16.12 2.36
C 3D0 C . 3.43 -15.11 3.02
O 3D0 C . 2.25 -15.10 2.87
CA 3D0 C . 4.15 -14.13 3.94
N 3D0 C . 4.11 -12.75 3.49
CAB 3D0 C . 4.63 -12.09 2.29
OAQ 3D0 C . 5.19 -12.65 1.39
CAA 3D0 C . 4.37 -10.57 2.20
CB 3D0 C . 5.61 -14.51 4.20
CG 3D0 C . 5.73 -15.02 5.67
CD 3D0 C . 6.69 -14.19 6.56
CE 3D0 C . 6.29 -14.41 8.05
NZ 3D0 C . 7.35 -14.16 9.02
CAH 3D0 C . 2.59 -16.99 0.60
OAI 3D0 C . 3.16 -16.82 -0.69
CAJ 3D0 C . 3.55 -15.47 -0.90
CAK 3D0 C . 4.77 -15.47 -1.86
CAL 3D0 C . 6.06 -15.34 -1.34
CAM 3D0 C . 7.14 -15.35 -2.22
CAN 3D0 C . 6.87 -15.48 -3.59
NAO 3D0 C . 5.62 -15.61 -4.06
CAP 3D0 C . 4.57 -15.60 -3.24
#